data_7CSI
#
_entry.id   7CSI
#
_cell.length_a   77.828
_cell.length_b   93.457
_cell.length_c   61.395
_cell.angle_alpha   90.00
_cell.angle_beta   90.00
_cell.angle_gamma   90.00
#
_symmetry.space_group_name_H-M   'P 21 21 2'
#
loop_
_entity.id
_entity.type
_entity.pdbx_description
1 polymer "Aminoglycoside 2'-N-acetyltransferase"
2 non-polymer '(1S,2S,3R,4S,6R)-4,6-diamino-3-{[(2S,3R)-3-amino-6-(aminomethyl)-3,4-dihydro-2H-pyran-2-yl]oxy}-2-hydroxycyclohexyl 3-deoxy-4-C-methyl-3-(methylamino)-beta-L-arabinopyranoside'
3 non-polymer 'COENZYME A'
4 water water
#
_entity_poly.entity_id   1
_entity_poly.type   'polypeptide(L)'
_entity_poly.pdbx_seq_one_letter_code
;MLTQHVSEARTRGAIHTARLIHTSDLDQETRDGARRMVIEAFRDPSGDSDFTDDFTDDDWDHALGGMHALISHHGALIAH
GAVVQRRLMYRGPDGRGHALRCGYVEAVAVREDRRGDGLGTAVLDALEQVIRGAYQIGALSASDIARPMYIARGWLSWEG
PTSVLTPTEGIVRTPEDDRSLFVLPVDLPDGLELDTAREITCDWRSGDPW
;
_entity_poly.pdbx_strand_id   A,B
#
# COMPACT_ATOMS: atom_id res chain seq x y z
N ILE A 15 -22.83 19.04 -10.34
CA ILE A 15 -22.19 17.97 -9.50
C ILE A 15 -20.92 17.49 -10.19
N HIS A 16 -19.80 17.46 -9.46
CA HIS A 16 -18.54 16.81 -9.90
C HIS A 16 -18.43 15.44 -9.22
N THR A 17 -18.07 14.41 -9.99
CA THR A 17 -17.74 13.08 -9.42
C THR A 17 -16.24 12.92 -9.66
N ALA A 18 -15.51 12.48 -8.65
CA ALA A 18 -14.04 12.29 -8.70
C ALA A 18 -13.75 11.06 -9.54
N ARG A 19 -12.68 11.10 -10.29
CA ARG A 19 -12.14 9.95 -11.04
C ARG A 19 -11.17 9.24 -10.11
N LEU A 20 -11.20 7.92 -10.06
CA LEU A 20 -10.19 7.12 -9.32
C LEU A 20 -9.14 6.62 -10.31
N ILE A 21 -7.87 6.90 -10.01
CA ILE A 21 -6.75 6.59 -10.94
C ILE A 21 -5.61 6.10 -10.07
N HIS A 22 -5.01 4.98 -10.39
CA HIS A 22 -3.84 4.49 -9.64
C HIS A 22 -2.66 5.43 -9.91
N THR A 23 -1.72 5.56 -8.97
CA THR A 23 -0.50 6.36 -9.21
C THR A 23 0.16 5.97 -10.55
N SER A 24 0.22 4.69 -10.87
CA SER A 24 0.97 4.19 -12.04
C SER A 24 0.33 4.65 -13.36
N ASP A 25 -0.93 5.10 -13.32
CA ASP A 25 -1.68 5.52 -14.53
C ASP A 25 -1.62 7.04 -14.68
N LEU A 26 -0.99 7.77 -13.78
CA LEU A 26 -0.92 9.23 -13.92
C LEU A 26 0.29 9.56 -14.81
N ASP A 27 0.11 10.41 -15.79
CA ASP A 27 1.23 11.03 -16.58
C ASP A 27 2.05 11.90 -15.61
N GLN A 28 3.38 11.96 -15.78
CA GLN A 28 4.23 12.78 -14.86
C GLN A 28 3.72 14.25 -14.86
N GLU A 29 3.16 14.78 -15.94
CA GLU A 29 2.67 16.19 -15.98
C GLU A 29 1.46 16.31 -15.04
N THR A 30 0.58 15.32 -15.02
CA THR A 30 -0.59 15.25 -14.12
C THR A 30 -0.14 15.14 -12.69
N ARG A 31 0.89 14.31 -12.40
CA ARG A 31 1.43 14.16 -11.02
C ARG A 31 2.03 15.49 -10.57
N ASP A 32 2.83 16.14 -11.43
CA ASP A 32 3.47 17.42 -11.04
C ASP A 32 2.38 18.46 -10.79
N GLY A 33 1.34 18.49 -11.65
CA GLY A 33 0.22 19.43 -11.45
C GLY A 33 -0.50 19.19 -10.13
N ALA A 34 -0.84 17.95 -9.82
CA ALA A 34 -1.54 17.58 -8.57
C ALA A 34 -0.68 18.00 -7.37
N ARG A 35 0.61 17.72 -7.39
CA ARG A 35 1.53 18.09 -6.27
C ARG A 35 1.50 19.61 -6.10
N ARG A 36 1.55 20.38 -7.19
CA ARG A 36 1.63 21.85 -7.08
C ARG A 36 0.30 22.39 -6.57
N MET A 37 -0.82 21.75 -6.96
CA MET A 37 -2.16 22.16 -6.52
C MET A 37 -2.31 21.89 -5.02
N VAL A 38 -1.86 20.73 -4.58
CA VAL A 38 -1.99 20.34 -3.14
C VAL A 38 -1.09 21.23 -2.27
N ILE A 39 0.18 21.42 -2.64
CA ILE A 39 1.09 22.36 -1.91
C ILE A 39 0.39 23.72 -1.73
N GLU A 40 -0.20 24.28 -2.80
CA GLU A 40 -0.81 25.63 -2.78
C GLU A 40 -2.02 25.60 -1.85
N ALA A 41 -2.75 24.49 -1.85
CA ALA A 41 -4.00 24.35 -1.06
C ALA A 41 -3.69 24.45 0.44
N PHE A 42 -2.52 23.97 0.84
CA PHE A 42 -2.05 23.90 2.25
C PHE A 42 -1.29 25.19 2.65
N ARG A 43 -1.07 26.16 1.75
CA ARG A 43 -0.31 27.39 2.09
C ARG A 43 -1.07 28.27 3.12
N ASP A 50 5.03 31.40 5.14
CA ASP A 50 6.49 31.21 5.19
C ASP A 50 6.98 30.64 3.87
N PHE A 51 8.30 30.62 3.69
CA PHE A 51 8.97 30.01 2.51
C PHE A 51 9.04 28.49 2.70
N THR A 52 8.78 27.99 3.91
CA THR A 52 8.70 26.55 4.23
C THR A 52 7.26 26.09 4.07
N ASP A 53 6.97 25.32 3.02
CA ASP A 53 5.61 24.76 2.71
C ASP A 53 5.17 23.86 3.87
N ASP A 54 3.94 24.02 4.38
CA ASP A 54 3.30 23.10 5.36
C ASP A 54 3.20 21.69 4.75
N PHE A 55 2.89 21.61 3.47
CA PHE A 55 2.86 20.33 2.71
C PHE A 55 4.20 20.14 2.02
N THR A 56 4.94 19.12 2.45
CA THR A 56 6.38 18.92 2.08
C THR A 56 6.54 17.88 0.96
N ASP A 57 7.75 17.74 0.45
CA ASP A 57 8.08 16.70 -0.58
C ASP A 57 7.78 15.32 0.01
N ASP A 58 8.10 15.09 1.29
CA ASP A 58 7.80 13.79 1.93
C ASP A 58 6.29 13.61 2.01
N ASP A 59 5.54 14.63 2.33
CA ASP A 59 4.04 14.54 2.37
C ASP A 59 3.50 14.13 0.98
N TRP A 60 4.09 14.65 -0.09
CA TRP A 60 3.60 14.26 -1.44
C TRP A 60 3.98 12.81 -1.72
N ASP A 61 5.20 12.45 -1.38
CA ASP A 61 5.70 11.08 -1.53
C ASP A 61 4.77 10.08 -0.80
N HIS A 62 4.31 10.43 0.38
CA HIS A 62 3.36 9.59 1.16
C HIS A 62 2.03 9.37 0.40
N ALA A 63 1.68 10.25 -0.54
CA ALA A 63 0.42 10.14 -1.31
C ALA A 63 0.57 9.21 -2.50
N LEU A 64 1.75 8.61 -2.71
CA LEU A 64 2.05 7.84 -3.94
C LEU A 64 1.89 6.36 -3.66
N GLY A 65 1.43 5.62 -4.65
CA GLY A 65 1.50 4.15 -4.57
C GLY A 65 0.10 3.58 -4.50
N GLY A 66 -0.92 4.43 -4.40
CA GLY A 66 -2.29 3.91 -4.27
C GLY A 66 -3.23 4.59 -5.22
N MET A 67 -4.47 4.77 -4.80
CA MET A 67 -5.54 5.32 -5.64
C MET A 67 -5.68 6.81 -5.34
N HIS A 68 -5.69 7.60 -6.40
CA HIS A 68 -5.97 9.05 -6.35
C HIS A 68 -7.41 9.29 -6.75
N ALA A 69 -8.06 10.19 -6.05
CA ALA A 69 -9.34 10.79 -6.47
C ALA A 69 -9.00 12.15 -7.08
N LEU A 70 -9.38 12.39 -8.33
CA LEU A 70 -9.09 13.66 -9.07
C LEU A 70 -10.40 14.28 -9.53
N ILE A 71 -10.57 15.58 -9.30
CA ILE A 71 -11.66 16.35 -9.97
C ILE A 71 -10.98 17.43 -10.81
N SER A 72 -11.26 17.40 -12.10
CA SER A 72 -10.73 18.35 -13.11
C SER A 72 -11.90 19.14 -13.70
N HIS A 73 -11.71 20.40 -14.04
CA HIS A 73 -12.78 21.24 -14.61
C HIS A 73 -12.13 22.24 -15.55
N HIS A 74 -12.47 22.26 -16.83
CA HIS A 74 -12.01 23.31 -17.76
C HIS A 74 -10.47 23.46 -17.68
N GLY A 75 -9.75 22.34 -17.67
CA GLY A 75 -8.27 22.33 -17.66
C GLY A 75 -7.62 22.67 -16.33
N ALA A 76 -8.36 22.70 -15.21
CA ALA A 76 -7.81 22.91 -13.87
C ALA A 76 -8.03 21.65 -13.04
N LEU A 77 -7.01 21.21 -12.30
CA LEU A 77 -7.24 20.22 -11.23
C LEU A 77 -7.79 20.99 -10.04
N ILE A 78 -9.01 20.70 -9.59
CA ILE A 78 -9.65 21.54 -8.55
C ILE A 78 -9.72 20.79 -7.20
N ALA A 79 -9.47 19.47 -7.20
CA ALA A 79 -9.57 18.63 -5.98
C ALA A 79 -8.78 17.35 -6.15
N HIS A 80 -8.16 16.93 -5.08
CA HIS A 80 -7.32 15.72 -5.01
C HIS A 80 -7.49 15.03 -3.65
N GLY A 81 -7.30 13.71 -3.64
CA GLY A 81 -6.96 12.95 -2.44
C GLY A 81 -6.38 11.62 -2.85
N ALA A 82 -5.74 10.93 -1.94
CA ALA A 82 -5.20 9.61 -2.21
C ALA A 82 -5.46 8.71 -1.01
N VAL A 83 -5.50 7.44 -1.28
CA VAL A 83 -5.51 6.38 -0.24
C VAL A 83 -4.41 5.38 -0.59
N VAL A 84 -3.51 5.16 0.34
CA VAL A 84 -2.33 4.29 0.17
C VAL A 84 -2.45 3.17 1.21
N GLN A 85 -1.86 2.01 0.93
CA GLN A 85 -1.91 0.86 1.84
C GLN A 85 -0.78 0.95 2.85
N ARG A 86 -1.09 0.83 4.12
CA ARG A 86 -0.10 0.72 5.21
C ARG A 86 -0.51 -0.42 6.12
N ARG A 87 0.32 -0.69 7.11
CA ARG A 87 -0.06 -1.56 8.24
C ARG A 87 -0.26 -0.73 9.49
N LEU A 88 -1.36 -0.96 10.17
CA LEU A 88 -1.67 -0.30 11.46
C LEU A 88 -1.61 -1.39 12.54
N MET A 89 -0.74 -1.23 13.53
CA MET A 89 -0.51 -2.20 14.62
C MET A 89 -1.36 -1.80 15.85
N TYR A 90 -2.14 -2.74 16.32
CA TYR A 90 -3.09 -2.56 17.42
C TYR A 90 -3.12 -3.82 18.26
N ARG A 91 -2.87 -3.65 19.57
CA ARG A 91 -2.94 -4.74 20.57
C ARG A 91 -4.23 -4.58 21.36
N GLY A 92 -5.09 -5.58 21.27
CA GLY A 92 -6.42 -5.50 21.85
C GLY A 92 -6.34 -5.68 23.36
N PRO A 93 -7.48 -5.48 24.05
CA PRO A 93 -7.56 -5.55 25.51
C PRO A 93 -7.35 -6.97 26.06
N ASP A 94 -7.29 -8.01 25.21
CA ASP A 94 -6.91 -9.43 25.51
C ASP A 94 -5.42 -9.71 25.28
N GLY A 95 -4.63 -8.72 24.87
CA GLY A 95 -3.17 -8.87 24.77
C GLY A 95 -2.70 -9.29 23.39
N ARG A 96 -3.61 -9.53 22.45
CA ARG A 96 -3.26 -10.12 21.14
C ARG A 96 -3.01 -9.01 20.10
N GLY A 97 -1.91 -9.12 19.35
CA GLY A 97 -1.48 -8.09 18.37
C GLY A 97 -2.13 -8.31 17.01
N HIS A 98 -2.48 -7.24 16.33
CA HIS A 98 -3.06 -7.27 14.97
C HIS A 98 -2.20 -6.34 14.11
N ALA A 99 -1.95 -6.76 12.89
CA ALA A 99 -1.32 -5.90 11.86
C ALA A 99 -2.39 -5.69 10.80
N LEU A 100 -3.19 -4.64 10.95
CA LEU A 100 -4.36 -4.44 10.06
C LEU A 100 -3.94 -3.89 8.70
N ARG A 101 -4.64 -4.33 7.65
CA ARG A 101 -4.52 -3.78 6.28
C ARG A 101 -5.26 -2.43 6.27
N CYS A 102 -4.51 -1.34 6.18
CA CYS A 102 -5.08 0.01 6.39
C CYS A 102 -5.06 0.85 5.09
N GLY A 103 -6.20 1.43 4.70
CA GLY A 103 -6.27 2.46 3.65
C GLY A 103 -6.01 3.82 4.28
N TYR A 104 -4.80 4.33 4.11
CA TYR A 104 -4.39 5.58 4.77
C TYR A 104 -4.63 6.78 3.86
N VAL A 105 -5.34 7.80 4.33
CA VAL A 105 -5.78 8.93 3.47
C VAL A 105 -4.73 10.05 3.51
N GLU A 106 -4.24 10.49 2.34
CA GLU A 106 -3.19 11.53 2.24
C GLU A 106 -3.65 12.62 1.26
N ALA A 107 -3.01 13.77 1.34
CA ALA A 107 -3.07 14.85 0.33
C ALA A 107 -4.49 15.22 -0.13
N VAL A 108 -5.43 15.30 0.81
CA VAL A 108 -6.81 15.70 0.44
C VAL A 108 -6.87 17.22 0.28
N ALA A 109 -7.27 17.73 -0.89
CA ALA A 109 -7.20 19.21 -0.95
C ALA A 109 -8.13 19.73 -2.05
N VAL A 110 -8.69 20.92 -1.83
CA VAL A 110 -9.53 21.61 -2.85
C VAL A 110 -8.93 23.00 -3.09
N ARG A 111 -8.87 23.47 -4.34
CA ARG A 111 -8.28 24.82 -4.55
C ARG A 111 -9.14 25.86 -3.80
N GLU A 112 -8.47 26.87 -3.25
CA GLU A 112 -9.09 27.77 -2.23
C GLU A 112 -10.39 28.35 -2.78
N ASP A 113 -10.37 28.85 -4.01
CA ASP A 113 -11.54 29.56 -4.60
C ASP A 113 -12.67 28.59 -4.95
N ARG A 114 -12.55 27.28 -4.70
CA ARG A 114 -13.63 26.32 -5.00
C ARG A 114 -14.10 25.56 -3.75
N ARG A 115 -13.71 26.00 -2.58
CA ARG A 115 -14.05 25.33 -1.29
C ARG A 115 -15.50 25.59 -0.90
N GLY A 116 -16.08 24.69 -0.11
CA GLY A 116 -17.42 24.89 0.45
C GLY A 116 -18.52 24.51 -0.51
N ASP A 117 -18.19 23.85 -1.63
CA ASP A 117 -19.18 23.52 -2.69
C ASP A 117 -19.29 22.00 -2.89
N GLY A 118 -18.82 21.17 -1.97
CA GLY A 118 -18.96 19.71 -2.05
C GLY A 118 -17.84 18.98 -2.77
N LEU A 119 -16.76 19.63 -3.21
CA LEU A 119 -15.63 18.92 -3.89
C LEU A 119 -14.87 18.03 -2.90
N GLY A 120 -14.60 18.51 -1.69
CA GLY A 120 -13.94 17.71 -0.66
C GLY A 120 -14.77 16.47 -0.33
N THR A 121 -16.08 16.64 -0.23
CA THR A 121 -17.05 15.53 -0.01
C THR A 121 -16.98 14.53 -1.16
N ALA A 122 -16.94 15.00 -2.39
CA ALA A 122 -16.84 14.11 -3.56
C ALA A 122 -15.50 13.34 -3.53
N VAL A 123 -14.40 14.00 -3.14
CA VAL A 123 -13.10 13.29 -3.07
C VAL A 123 -13.22 12.18 -2.02
N LEU A 124 -13.76 12.51 -0.87
CA LEU A 124 -13.75 11.53 0.25
C LEU A 124 -14.77 10.43 -0.06
N ASP A 125 -15.88 10.74 -0.75
CA ASP A 125 -16.82 9.70 -1.25
C ASP A 125 -16.06 8.66 -2.07
N ALA A 126 -15.19 9.10 -3.00
CA ALA A 126 -14.43 8.19 -3.88
C ALA A 126 -13.42 7.40 -3.04
N LEU A 127 -12.65 8.07 -2.15
CA LEU A 127 -11.61 7.39 -1.35
C LEU A 127 -12.27 6.38 -0.41
N GLU A 128 -13.41 6.73 0.19
CA GLU A 128 -14.13 5.79 1.10
C GLU A 128 -14.63 4.55 0.34
N GLN A 129 -14.98 4.66 -0.93
CA GLN A 129 -15.37 3.51 -1.78
C GLN A 129 -14.16 2.58 -1.87
N VAL A 130 -12.94 3.15 -2.03
CA VAL A 130 -11.70 2.33 -2.06
C VAL A 130 -11.52 1.64 -0.71
N ILE A 131 -11.63 2.41 0.38
CA ILE A 131 -11.34 1.86 1.73
C ILE A 131 -12.31 0.71 2.02
N ARG A 132 -13.59 0.94 1.77
CA ARG A 132 -14.63 -0.06 2.11
C ARG A 132 -14.46 -1.29 1.22
N GLY A 133 -13.99 -1.12 -0.01
CA GLY A 133 -13.88 -2.22 -0.96
C GLY A 133 -12.60 -3.02 -0.77
N ALA A 134 -11.55 -2.54 -0.08
CA ALA A 134 -10.20 -3.17 -0.20
C ALA A 134 -9.50 -3.35 1.14
N TYR A 135 -9.90 -2.64 2.20
CA TYR A 135 -9.10 -2.61 3.46
C TYR A 135 -9.88 -3.09 4.66
N GLN A 136 -9.18 -3.31 5.78
CA GLN A 136 -9.82 -3.68 7.07
C GLN A 136 -10.18 -2.41 7.83
N ILE A 137 -9.47 -1.32 7.58
CA ILE A 137 -9.62 -0.07 8.35
C ILE A 137 -9.11 1.08 7.49
N GLY A 138 -9.79 2.21 7.56
CA GLY A 138 -9.26 3.49 7.07
C GLY A 138 -8.63 4.26 8.21
N ALA A 139 -7.67 5.11 7.89
CA ALA A 139 -7.02 5.96 8.92
C ALA A 139 -6.41 7.17 8.25
N LEU A 140 -6.37 8.25 9.01
CA LEU A 140 -5.81 9.51 8.55
C LEU A 140 -5.43 10.37 9.73
N SER A 141 -4.62 11.39 9.48
CA SER A 141 -4.23 12.39 10.50
C SER A 141 -4.76 13.75 10.01
N ALA A 142 -5.72 14.35 10.72
CA ALA A 142 -6.49 15.51 10.24
C ALA A 142 -5.92 16.83 10.79
N SER A 143 -5.80 17.82 9.92
CA SER A 143 -5.77 19.28 10.27
C SER A 143 -6.89 19.51 11.28
N ASP A 144 -6.63 20.28 12.34
CA ASP A 144 -7.62 20.53 13.43
C ASP A 144 -8.89 21.16 12.83
N ILE A 145 -8.71 21.91 11.74
CA ILE A 145 -9.72 22.47 10.79
C ILE A 145 -10.75 21.38 10.45
N ALA A 146 -10.27 20.20 10.06
CA ALA A 146 -11.04 19.25 9.21
C ALA A 146 -11.73 18.22 10.09
N ARG A 147 -11.56 18.34 11.41
CA ARG A 147 -12.10 17.39 12.41
C ARG A 147 -13.63 17.29 12.23
N PRO A 148 -14.39 18.41 12.15
CA PRO A 148 -15.84 18.35 11.97
C PRO A 148 -16.29 17.56 10.74
N MET A 149 -15.63 17.77 9.60
CA MET A 149 -15.91 17.05 8.33
C MET A 149 -15.75 15.54 8.53
N TYR A 150 -14.69 15.08 9.19
CA TYR A 150 -14.47 13.62 9.36
C TYR A 150 -15.50 13.05 10.35
N ILE A 151 -15.79 13.80 11.41
CA ILE A 151 -16.79 13.38 12.44
C ILE A 151 -18.14 13.18 11.75
N ALA A 152 -18.55 14.11 10.90
CA ALA A 152 -19.86 14.10 10.20
C ALA A 152 -19.92 12.91 9.25
N ARG A 153 -18.79 12.44 8.73
CA ARG A 153 -18.78 11.31 7.76
C ARG A 153 -18.68 9.99 8.54
N GLY A 154 -18.56 10.04 9.86
CA GLY A 154 -18.63 8.82 10.68
C GLY A 154 -17.27 8.23 10.97
N TRP A 155 -16.19 8.96 10.76
CA TRP A 155 -14.86 8.58 11.24
C TRP A 155 -14.82 8.75 12.77
N LEU A 156 -14.09 7.88 13.44
CA LEU A 156 -13.91 7.90 14.91
C LEU A 156 -12.59 8.55 15.28
N SER A 157 -12.66 9.49 16.20
CA SER A 157 -11.48 10.16 16.78
C SER A 157 -10.70 9.11 17.55
N TRP A 158 -9.40 9.04 17.34
CA TRP A 158 -8.52 8.21 18.18
C TRP A 158 -8.09 9.02 19.40
N GLU A 159 -8.38 8.53 20.61
CA GLU A 159 -8.09 9.22 21.91
C GLU A 159 -6.79 8.75 22.53
N GLY A 160 -6.35 7.53 22.29
CA GLY A 160 -5.16 6.97 22.96
C GLY A 160 -3.86 7.47 22.33
N PRO A 161 -2.73 7.10 22.93
CA PRO A 161 -1.41 7.56 22.51
C PRO A 161 -1.03 6.92 21.17
N THR A 162 -0.36 7.68 20.33
CA THR A 162 0.08 7.25 18.99
C THR A 162 1.56 6.90 19.03
N SER A 163 1.97 5.97 18.17
CA SER A 163 3.40 5.57 18.08
C SER A 163 3.70 5.06 16.68
N VAL A 164 4.97 4.81 16.45
CA VAL A 164 5.53 4.39 15.16
C VAL A 164 6.48 3.22 15.44
N LEU A 165 6.35 2.17 14.66
CA LEU A 165 7.26 1.00 14.76
C LEU A 165 8.55 1.29 13.99
N THR A 166 9.59 1.67 14.69
CA THR A 166 10.89 2.06 14.09
C THR A 166 11.76 0.83 13.91
N PRO A 167 12.71 0.82 12.95
CA PRO A 167 13.59 -0.33 12.81
C PRO A 167 14.82 -0.38 13.74
N THR A 168 15.02 0.62 14.61
CA THR A 168 16.25 0.74 15.45
C THR A 168 15.94 0.83 16.94
N GLU A 169 14.92 1.57 17.32
CA GLU A 169 14.33 1.46 18.68
C GLU A 169 13.13 0.58 18.43
N GLY A 170 12.20 0.50 19.33
CA GLY A 170 11.01 -0.29 18.95
C GLY A 170 9.92 0.67 18.56
N ILE A 171 8.81 0.53 19.24
CA ILE A 171 7.63 1.41 19.13
C ILE A 171 7.98 2.71 19.85
N VAL A 172 8.01 3.80 19.11
CA VAL A 172 8.40 5.15 19.62
C VAL A 172 7.15 6.02 19.61
N ARG A 173 6.87 6.70 20.73
CA ARG A 173 5.70 7.61 20.80
C ARG A 173 5.83 8.74 19.78
N THR A 174 4.69 9.15 19.20
CA THR A 174 4.56 10.29 18.29
C THR A 174 3.63 11.33 18.89
N PRO A 175 4.04 12.02 19.99
CA PRO A 175 3.13 12.93 20.68
C PRO A 175 2.60 14.08 19.81
N GLU A 176 3.31 14.51 18.77
CA GLU A 176 2.81 15.58 17.86
C GLU A 176 1.59 15.10 17.06
N ASP A 177 1.35 13.79 17.00
CA ASP A 177 0.22 13.19 16.24
C ASP A 177 -0.92 12.84 17.18
N ASP A 178 -0.73 12.95 18.50
CA ASP A 178 -1.80 12.67 19.47
C ASP A 178 -2.98 13.61 19.20
N ARG A 179 -4.19 13.07 19.29
CA ARG A 179 -5.48 13.77 19.11
C ARG A 179 -5.55 14.35 17.69
N SER A 180 -4.92 13.70 16.70
CA SER A 180 -5.07 14.08 15.27
C SER A 180 -5.67 12.92 14.47
N LEU A 181 -5.62 11.68 14.97
CA LEU A 181 -5.91 10.50 14.12
C LEU A 181 -7.42 10.24 14.12
N PHE A 182 -7.92 9.78 12.97
CA PHE A 182 -9.29 9.26 12.79
C PHE A 182 -9.19 7.87 12.19
N VAL A 183 -10.10 6.98 12.57
CA VAL A 183 -10.18 5.64 11.92
C VAL A 183 -11.61 5.41 11.43
N LEU A 184 -11.72 4.53 10.44
CA LEU A 184 -12.97 4.08 9.83
C LEU A 184 -12.90 2.55 9.79
N PRO A 185 -13.37 1.86 10.83
CA PRO A 185 -13.33 0.40 10.86
C PRO A 185 -14.35 -0.13 9.85
N VAL A 186 -13.91 -0.77 8.79
CA VAL A 186 -14.80 -1.22 7.70
C VAL A 186 -14.88 -2.74 7.70
N ASP A 187 -13.84 -3.46 8.12
CA ASP A 187 -13.82 -4.93 7.98
C ASP A 187 -12.81 -5.55 8.95
N LEU A 188 -13.02 -5.34 10.24
CA LEU A 188 -12.11 -5.86 11.27
C LEU A 188 -12.27 -7.37 11.37
N PRO A 189 -11.19 -8.09 11.73
CA PRO A 189 -11.22 -9.53 11.93
C PRO A 189 -12.20 -9.89 13.04
N ASP A 190 -12.94 -10.99 12.86
CA ASP A 190 -14.02 -11.43 13.78
C ASP A 190 -13.46 -11.39 15.23
N GLY A 191 -14.22 -10.77 16.15
CA GLY A 191 -13.88 -10.72 17.59
C GLY A 191 -12.82 -9.68 17.93
N LEU A 192 -12.46 -8.76 17.03
CA LEU A 192 -11.49 -7.69 17.38
C LEU A 192 -12.30 -6.56 18.02
N GLU A 193 -12.03 -6.25 19.30
CA GLU A 193 -12.62 -5.07 20.00
C GLU A 193 -11.71 -3.85 19.77
N LEU A 194 -12.14 -2.89 18.94
CA LEU A 194 -11.36 -1.64 18.67
C LEU A 194 -11.71 -0.59 19.73
N ASP A 195 -10.82 -0.38 20.68
CA ASP A 195 -11.01 0.58 21.79
C ASP A 195 -10.15 1.79 21.48
N THR A 196 -10.74 2.95 21.21
CA THR A 196 -9.98 4.15 20.75
C THR A 196 -9.19 4.78 21.90
N ALA A 197 -9.31 4.30 23.15
CA ALA A 197 -8.51 4.80 24.29
C ALA A 197 -7.13 4.14 24.31
N ARG A 198 -6.90 3.07 23.55
CA ARG A 198 -5.68 2.25 23.62
C ARG A 198 -4.60 2.85 22.73
N GLU A 199 -3.41 2.28 22.75
CA GLU A 199 -2.32 2.76 21.85
C GLU A 199 -2.64 2.31 20.43
N ILE A 200 -2.15 3.04 19.44
CA ILE A 200 -2.17 2.63 18.02
C ILE A 200 -0.83 3.05 17.38
N THR A 201 -0.31 2.18 16.53
CA THR A 201 1.07 2.27 16.03
C THR A 201 1.05 2.20 14.51
N CYS A 202 1.75 3.09 13.83
CA CYS A 202 1.83 2.98 12.35
C CYS A 202 3.15 2.31 11.99
N ASP A 203 3.21 1.85 10.76
CA ASP A 203 4.47 1.40 10.13
C ASP A 203 5.39 2.59 9.87
N TRP A 204 6.68 2.29 9.76
CA TRP A 204 7.73 3.29 9.72
C TRP A 204 7.84 3.82 8.28
N ARG A 205 8.00 5.12 8.15
CA ARG A 205 8.37 5.77 6.88
C ARG A 205 9.14 7.04 7.23
N SER A 206 9.87 7.60 6.28
CA SER A 206 10.58 8.88 6.51
C SER A 206 9.54 10.01 6.57
N GLY A 207 9.97 11.19 7.02
CA GLY A 207 9.08 12.33 7.29
C GLY A 207 8.07 12.04 8.39
N ASP A 208 6.87 12.59 8.26
CA ASP A 208 5.83 12.48 9.30
C ASP A 208 5.33 11.04 9.26
N PRO A 209 5.42 10.29 10.36
CA PRO A 209 4.94 8.90 10.38
C PRO A 209 3.42 8.82 10.17
N TRP A 210 2.67 9.82 10.65
CA TRP A 210 1.19 9.91 10.51
C TRP A 210 0.80 11.05 9.58
N HIS B 16 -2.34 -12.44 -25.65
CA HIS B 16 -2.70 -12.49 -24.16
C HIS B 16 -2.40 -11.16 -23.47
N THR B 17 -3.40 -10.39 -23.05
CA THR B 17 -3.20 -9.14 -22.26
C THR B 17 -4.01 -9.25 -20.95
N ALA B 18 -3.38 -8.81 -19.87
CA ALA B 18 -3.98 -8.89 -18.51
C ALA B 18 -4.75 -7.59 -18.32
N ARG B 19 -5.91 -7.67 -17.69
CA ARG B 19 -6.59 -6.44 -17.20
C ARG B 19 -5.98 -6.10 -15.84
N LEU B 20 -5.84 -4.81 -15.53
CA LEU B 20 -5.32 -4.32 -14.23
C LEU B 20 -6.48 -3.63 -13.50
N ILE B 21 -6.79 -4.08 -12.31
CA ILE B 21 -7.94 -3.56 -11.54
C ILE B 21 -7.58 -3.55 -10.05
N HIS B 22 -7.90 -2.47 -9.37
CA HIS B 22 -7.76 -2.37 -7.90
C HIS B 22 -8.68 -3.37 -7.21
N THR B 23 -8.25 -3.89 -6.07
CA THR B 23 -9.06 -4.76 -5.19
C THR B 23 -10.47 -4.17 -5.02
N SER B 24 -10.60 -2.88 -4.78
CA SER B 24 -11.89 -2.23 -4.47
C SER B 24 -12.81 -2.25 -5.68
N ASP B 25 -12.27 -2.40 -6.89
CA ASP B 25 -13.08 -2.38 -8.14
C ASP B 25 -13.40 -3.81 -8.54
N LEU B 26 -12.91 -4.80 -7.80
CA LEU B 26 -13.15 -6.24 -8.09
C LEU B 26 -14.46 -6.67 -7.41
N ASP B 27 -15.44 -7.13 -8.19
CA ASP B 27 -16.67 -7.79 -7.64
C ASP B 27 -16.25 -9.02 -6.83
N GLN B 28 -17.05 -9.35 -5.81
CA GLN B 28 -16.72 -10.39 -4.80
C GLN B 28 -16.72 -11.77 -5.43
N GLU B 29 -17.52 -11.98 -6.47
CA GLU B 29 -17.56 -13.26 -7.22
C GLU B 29 -16.25 -13.42 -8.00
N THR B 30 -15.74 -12.39 -8.66
CA THR B 30 -14.44 -12.46 -9.38
C THR B 30 -13.31 -12.64 -8.34
N ARG B 31 -13.43 -12.00 -7.20
CA ARG B 31 -12.42 -12.17 -6.11
C ARG B 31 -12.40 -13.64 -5.65
N ASP B 32 -13.57 -14.21 -5.38
CA ASP B 32 -13.73 -15.63 -4.97
C ASP B 32 -13.19 -16.55 -6.09
N GLY B 33 -13.53 -16.25 -7.34
CA GLY B 33 -13.04 -17.02 -8.48
C GLY B 33 -11.52 -16.95 -8.61
N ALA B 34 -10.92 -15.76 -8.45
CA ALA B 34 -9.44 -15.64 -8.54
C ALA B 34 -8.82 -16.44 -7.41
N ARG B 35 -9.38 -16.34 -6.22
CA ARG B 35 -8.83 -17.02 -5.04
C ARG B 35 -8.88 -18.54 -5.24
N ARG B 36 -10.01 -19.08 -5.69
CA ARG B 36 -10.12 -20.53 -5.99
C ARG B 36 -9.11 -20.90 -7.08
N MET B 37 -8.95 -20.11 -8.14
CA MET B 37 -8.00 -20.50 -9.20
C MET B 37 -6.60 -20.53 -8.59
N VAL B 38 -6.26 -19.57 -7.71
CA VAL B 38 -4.87 -19.46 -7.15
C VAL B 38 -4.62 -20.61 -6.18
N ILE B 39 -5.52 -20.89 -5.25
CA ILE B 39 -5.36 -22.05 -4.34
C ILE B 39 -5.11 -23.33 -5.15
N GLU B 40 -5.91 -23.59 -6.18
CA GLU B 40 -5.83 -24.84 -6.97
C GLU B 40 -4.45 -24.88 -7.67
N ALA B 41 -4.02 -23.76 -8.26
CA ALA B 41 -2.72 -23.65 -8.99
C ALA B 41 -1.54 -24.00 -8.08
N PHE B 42 -1.65 -23.75 -6.77
CA PHE B 42 -0.61 -24.07 -5.75
C PHE B 42 -0.77 -25.49 -5.19
N ARG B 43 -1.87 -26.19 -5.48
CA ARG B 43 -2.21 -27.55 -4.96
C ARG B 43 -1.80 -28.61 -5.99
N ASP B 54 -0.83 -25.31 0.90
CA ASP B 54 0.40 -24.51 0.68
C ASP B 54 0.04 -23.05 0.27
N PHE B 55 -1.06 -22.80 -0.43
CA PHE B 55 -1.62 -21.41 -0.51
C PHE B 55 -2.74 -21.25 0.54
N THR B 56 -2.51 -20.43 1.56
CA THR B 56 -3.33 -20.35 2.79
C THR B 56 -4.29 -19.15 2.72
N ASP B 57 -5.17 -19.02 3.71
CA ASP B 57 -6.04 -17.83 3.91
C ASP B 57 -5.18 -16.55 4.02
N ASP B 58 -4.09 -16.60 4.78
CA ASP B 58 -3.19 -15.44 4.97
C ASP B 58 -2.54 -15.06 3.64
N ASP B 59 -2.14 -16.03 2.84
CA ASP B 59 -1.52 -15.78 1.52
C ASP B 59 -2.52 -15.03 0.65
N TRP B 60 -3.82 -15.33 0.76
CA TRP B 60 -4.81 -14.56 -0.04
C TRP B 60 -4.94 -13.13 0.52
N ASP B 61 -5.04 -12.99 1.83
CA ASP B 61 -5.15 -11.66 2.50
C ASP B 61 -3.99 -10.76 2.04
N HIS B 62 -2.79 -11.33 1.89
CA HIS B 62 -1.56 -10.62 1.46
C HIS B 62 -1.72 -10.07 0.05
N ALA B 63 -2.61 -10.64 -0.77
CA ALA B 63 -2.81 -10.25 -2.19
C ALA B 63 -3.86 -9.13 -2.31
N LEU B 64 -4.44 -8.69 -1.21
CA LEU B 64 -5.53 -7.69 -1.22
C LEU B 64 -5.02 -6.28 -0.91
N GLY B 65 -5.62 -5.27 -1.55
CA GLY B 65 -5.35 -3.85 -1.25
C GLY B 65 -4.57 -3.15 -2.35
N GLY B 66 -4.20 -3.85 -3.42
CA GLY B 66 -3.45 -3.25 -4.53
C GLY B 66 -4.10 -3.54 -5.86
N MET B 67 -3.24 -3.72 -6.86
CA MET B 67 -3.65 -3.94 -8.27
C MET B 67 -3.57 -5.41 -8.63
N HIS B 68 -4.66 -5.95 -9.16
CA HIS B 68 -4.74 -7.34 -9.65
C HIS B 68 -4.56 -7.34 -11.17
N ALA B 69 -3.82 -8.32 -11.69
CA ALA B 69 -3.75 -8.62 -13.11
C ALA B 69 -4.55 -9.91 -13.31
N LEU B 70 -5.48 -9.86 -14.26
CA LEU B 70 -6.53 -10.90 -14.44
C LEU B 70 -6.59 -11.21 -15.95
N ILE B 71 -6.66 -12.48 -16.25
CA ILE B 71 -6.93 -13.01 -17.61
C ILE B 71 -7.98 -14.09 -17.43
N SER B 72 -9.05 -14.01 -18.23
CA SER B 72 -10.18 -14.96 -18.19
C SER B 72 -10.39 -15.55 -19.60
N HIS B 73 -10.95 -16.75 -19.67
CA HIS B 73 -11.43 -17.33 -20.95
C HIS B 73 -12.87 -17.81 -20.75
N HIS B 74 -13.84 -17.18 -21.40
CA HIS B 74 -15.28 -17.56 -21.32
C HIS B 74 -15.76 -17.49 -19.87
N GLY B 75 -15.34 -16.46 -19.14
CA GLY B 75 -15.73 -16.22 -17.74
C GLY B 75 -15.09 -17.19 -16.75
N ALA B 76 -14.11 -18.00 -17.16
CA ALA B 76 -13.21 -18.76 -16.25
C ALA B 76 -11.87 -18.01 -16.09
N LEU B 77 -11.46 -17.76 -14.85
CA LEU B 77 -10.17 -17.07 -14.57
C LEU B 77 -9.05 -18.07 -14.90
N ILE B 78 -8.12 -17.72 -15.79
CA ILE B 78 -6.98 -18.62 -16.13
C ILE B 78 -5.65 -18.09 -15.58
N ALA B 79 -5.55 -16.80 -15.22
CA ALA B 79 -4.29 -16.24 -14.68
C ALA B 79 -4.59 -15.07 -13.74
N HIS B 80 -3.74 -14.93 -12.73
CA HIS B 80 -3.89 -13.90 -11.71
C HIS B 80 -2.51 -13.48 -11.20
N GLY B 81 -2.39 -12.23 -10.80
CA GLY B 81 -1.33 -11.81 -9.87
C GLY B 81 -1.73 -10.51 -9.22
N ALA B 82 -1.05 -10.12 -8.15
CA ALA B 82 -1.35 -8.88 -7.45
C ALA B 82 -0.03 -8.20 -7.05
N VAL B 83 -0.09 -6.89 -7.00
CA VAL B 83 1.03 -6.10 -6.46
C VAL B 83 0.46 -5.18 -5.39
N VAL B 84 0.97 -5.35 -4.16
CA VAL B 84 0.49 -4.56 -2.99
C VAL B 84 1.63 -3.70 -2.43
N GLN B 85 1.28 -2.55 -1.89
CA GLN B 85 2.23 -1.61 -1.29
C GLN B 85 2.69 -2.13 0.08
N ARG B 86 4.00 -2.12 0.28
CA ARG B 86 4.65 -2.46 1.55
C ARG B 86 5.85 -1.50 1.71
N ARG B 87 6.46 -1.52 2.88
CA ARG B 87 7.77 -0.89 3.15
C ARG B 87 8.82 -1.98 3.26
N LEU B 88 9.91 -1.79 2.56
CA LEU B 88 11.12 -2.62 2.59
C LEU B 88 12.22 -1.76 3.22
N MET B 89 12.84 -2.25 4.28
CA MET B 89 13.84 -1.48 5.05
C MET B 89 15.23 -2.01 4.68
N TYR B 90 16.10 -1.08 4.31
CA TYR B 90 17.47 -1.36 3.87
C TYR B 90 18.39 -0.30 4.52
N ARG B 91 19.43 -0.77 5.18
CA ARG B 91 20.44 0.12 5.80
C ARG B 91 21.72 0.00 4.97
N GLY B 92 22.17 1.08 4.34
CA GLY B 92 23.41 1.05 3.55
C GLY B 92 24.66 0.94 4.43
N PRO B 93 25.84 0.69 3.84
CA PRO B 93 27.10 0.66 4.58
C PRO B 93 27.38 1.90 5.44
N ASP B 94 26.94 3.07 4.99
CA ASP B 94 27.11 4.35 5.71
C ASP B 94 26.20 4.43 6.94
N GLY B 95 25.32 3.46 7.14
CA GLY B 95 24.47 3.32 8.36
C GLY B 95 23.12 4.03 8.21
N ARG B 96 22.90 4.74 7.10
CA ARG B 96 21.61 5.46 6.82
C ARG B 96 20.53 4.44 6.49
N GLY B 97 19.35 4.55 7.12
CA GLY B 97 18.22 3.63 6.93
C GLY B 97 17.35 4.14 5.79
N HIS B 98 16.79 3.25 4.98
CA HIS B 98 15.82 3.57 3.90
C HIS B 98 14.55 2.74 4.10
N ALA B 99 13.38 3.38 4.02
CA ALA B 99 12.08 2.70 4.12
C ALA B 99 11.42 2.84 2.75
N LEU B 100 11.76 1.95 1.84
CA LEU B 100 11.41 2.07 0.40
C LEU B 100 9.93 1.72 0.17
N ARG B 101 9.29 2.51 -0.69
CA ARG B 101 7.89 2.28 -1.13
C ARG B 101 8.01 1.09 -2.08
N CYS B 102 7.57 -0.07 -1.63
CA CYS B 102 7.77 -1.32 -2.36
C CYS B 102 6.44 -1.82 -2.99
N GLY B 103 6.48 -2.21 -4.26
CA GLY B 103 5.39 -2.99 -4.89
C GLY B 103 5.70 -4.47 -4.74
N TYR B 104 4.97 -5.15 -3.87
CA TYR B 104 5.24 -6.54 -3.48
C TYR B 104 4.29 -7.45 -4.28
N VAL B 105 4.86 -8.43 -4.97
CA VAL B 105 4.11 -9.32 -5.90
C VAL B 105 3.65 -10.60 -5.19
N GLU B 106 2.32 -10.80 -5.17
CA GLU B 106 1.63 -11.91 -4.48
C GLU B 106 0.68 -12.66 -5.44
N ALA B 107 0.35 -13.89 -5.09
CA ALA B 107 -0.70 -14.74 -5.67
C ALA B 107 -0.59 -14.83 -7.20
N VAL B 108 0.63 -14.90 -7.73
CA VAL B 108 0.83 -15.11 -9.18
C VAL B 108 0.54 -16.57 -9.48
N ALA B 109 -0.34 -16.84 -10.43
CA ALA B 109 -0.75 -18.22 -10.73
C ALA B 109 -1.40 -18.27 -12.12
N VAL B 110 -1.13 -19.38 -12.82
CA VAL B 110 -1.81 -19.76 -14.09
C VAL B 110 -2.43 -21.16 -13.94
N ARG B 111 -3.67 -21.31 -14.40
CA ARG B 111 -4.33 -22.63 -14.34
C ARG B 111 -3.44 -23.65 -15.06
N GLU B 112 -3.20 -24.79 -14.39
CA GLU B 112 -2.32 -25.90 -14.86
C GLU B 112 -2.44 -26.15 -16.37
N ASP B 113 -3.66 -26.31 -16.90
CA ASP B 113 -3.83 -26.63 -18.33
C ASP B 113 -3.44 -25.48 -19.27
N ARG B 114 -3.30 -24.24 -18.79
CA ARG B 114 -2.93 -23.12 -19.69
C ARG B 114 -1.48 -22.66 -19.51
N ARG B 115 -0.66 -23.45 -18.81
CA ARG B 115 0.78 -23.16 -18.50
C ARG B 115 1.64 -23.35 -19.74
N GLY B 116 2.77 -22.65 -19.78
CA GLY B 116 3.72 -22.66 -20.91
C GLY B 116 3.18 -21.96 -22.14
N ASP B 117 2.25 -20.99 -22.00
CA ASP B 117 1.58 -20.26 -23.12
C ASP B 117 1.75 -18.73 -23.01
N GLY B 118 2.61 -18.21 -22.12
CA GLY B 118 2.84 -16.75 -22.02
C GLY B 118 1.82 -16.05 -21.12
N LEU B 119 1.00 -16.77 -20.36
CA LEU B 119 0.03 -16.11 -19.45
C LEU B 119 0.81 -15.51 -18.26
N GLY B 120 1.83 -16.21 -17.77
CA GLY B 120 2.68 -15.71 -16.66
C GLY B 120 3.30 -14.41 -17.08
N THR B 121 3.95 -14.42 -18.26
CA THR B 121 4.57 -13.25 -18.89
C THR B 121 3.54 -12.11 -18.94
N ALA B 122 2.31 -12.37 -19.39
CA ALA B 122 1.30 -11.31 -19.51
C ALA B 122 0.95 -10.73 -18.12
N VAL B 123 0.80 -11.58 -17.13
CA VAL B 123 0.52 -11.15 -15.73
C VAL B 123 1.68 -10.25 -15.27
N LEU B 124 2.92 -10.67 -15.47
CA LEU B 124 4.07 -9.90 -14.94
C LEU B 124 4.27 -8.62 -15.71
N ASP B 125 3.95 -8.59 -17.02
CA ASP B 125 4.03 -7.33 -17.79
C ASP B 125 3.11 -6.29 -17.14
N ALA B 126 1.91 -6.71 -16.77
CA ALA B 126 0.91 -5.77 -16.18
C ALA B 126 1.41 -5.36 -14.78
N LEU B 127 1.82 -6.31 -13.94
CA LEU B 127 2.27 -5.96 -12.56
C LEU B 127 3.54 -5.09 -12.59
N GLU B 128 4.47 -5.30 -13.55
CA GLU B 128 5.70 -4.46 -13.63
C GLU B 128 5.37 -3.08 -14.16
N GLN B 129 4.34 -2.95 -14.98
CA GLN B 129 3.82 -1.61 -15.35
C GLN B 129 3.43 -0.84 -14.07
N VAL B 130 2.74 -1.48 -13.13
CA VAL B 130 2.37 -0.83 -11.82
C VAL B 130 3.64 -0.51 -11.05
N ILE B 131 4.56 -1.47 -10.94
CA ILE B 131 5.80 -1.27 -10.13
C ILE B 131 6.58 -0.09 -10.70
N ARG B 132 6.80 -0.04 -12.01
CA ARG B 132 7.64 1.01 -12.61
C ARG B 132 6.91 2.35 -12.52
N GLY B 133 5.59 2.35 -12.51
CA GLY B 133 4.85 3.62 -12.51
C GLY B 133 4.62 4.22 -11.12
N ALA B 134 4.72 3.42 -10.06
CA ALA B 134 4.18 3.87 -8.76
C ALA B 134 5.16 3.63 -7.61
N TYR B 135 6.19 2.78 -7.75
CA TYR B 135 7.00 2.33 -6.58
C TYR B 135 8.49 2.65 -6.79
N GLN B 136 9.27 2.56 -5.71
CA GLN B 136 10.74 2.70 -5.72
C GLN B 136 11.39 1.37 -6.06
N ILE B 137 10.76 0.28 -5.71
CA ILE B 137 11.30 -1.08 -5.87
C ILE B 137 10.16 -2.08 -5.88
N GLY B 138 10.30 -3.08 -6.73
CA GLY B 138 9.52 -4.32 -6.72
C GLY B 138 10.22 -5.38 -5.92
N ALA B 139 9.46 -6.23 -5.23
CA ALA B 139 10.02 -7.36 -4.47
C ALA B 139 9.02 -8.52 -4.48
N LEU B 140 9.55 -9.73 -4.38
CA LEU B 140 8.72 -10.93 -4.18
C LEU B 140 9.57 -12.06 -3.62
N SER B 141 8.92 -13.09 -3.13
CA SER B 141 9.50 -14.37 -2.69
C SER B 141 8.97 -15.50 -3.60
N ALA B 142 9.83 -15.97 -4.49
CA ALA B 142 9.43 -16.80 -5.66
C ALA B 142 9.32 -18.26 -5.24
N SER B 143 8.25 -18.92 -5.67
CA SER B 143 8.17 -20.42 -5.63
C SER B 143 9.28 -20.99 -6.52
N ASP B 144 9.66 -22.25 -6.31
CA ASP B 144 10.72 -22.91 -7.15
C ASP B 144 10.38 -22.85 -8.64
N ILE B 145 9.15 -23.16 -9.03
CA ILE B 145 8.74 -23.21 -10.47
C ILE B 145 8.80 -21.81 -11.12
N ALA B 146 8.75 -20.72 -10.34
CA ALA B 146 8.66 -19.34 -10.87
C ALA B 146 10.05 -18.73 -11.03
N ARG B 147 11.05 -19.28 -10.35
CA ARG B 147 12.41 -18.69 -10.33
C ARG B 147 12.88 -18.39 -11.74
N PRO B 148 12.81 -19.36 -12.69
CA PRO B 148 13.40 -19.11 -14.01
C PRO B 148 12.72 -17.91 -14.70
N MET B 149 11.42 -17.73 -14.46
CA MET B 149 10.64 -16.61 -15.05
C MET B 149 11.27 -15.28 -14.64
N TYR B 150 11.49 -15.10 -13.33
CA TYR B 150 11.96 -13.81 -12.75
C TYR B 150 13.40 -13.55 -13.19
N ILE B 151 14.23 -14.59 -13.21
CA ILE B 151 15.63 -14.45 -13.66
C ILE B 151 15.65 -13.93 -15.09
N ALA B 152 14.86 -14.52 -15.97
CA ALA B 152 14.78 -14.15 -17.40
C ALA B 152 14.19 -12.73 -17.54
N ARG B 153 13.35 -12.27 -16.63
CA ARG B 153 12.78 -10.90 -16.74
C ARG B 153 13.74 -9.86 -16.16
N GLY B 154 14.89 -10.24 -15.62
CA GLY B 154 15.87 -9.24 -15.14
C GLY B 154 15.70 -8.91 -13.66
N TRP B 155 14.91 -9.68 -12.91
CA TRP B 155 14.78 -9.48 -11.44
C TRP B 155 16.10 -9.91 -10.79
N LEU B 156 16.54 -9.18 -9.77
CA LEU B 156 17.81 -9.45 -9.04
C LEU B 156 17.55 -10.40 -7.91
N SER B 157 18.27 -11.52 -7.89
CA SER B 157 18.25 -12.45 -6.74
C SER B 157 18.82 -11.75 -5.49
N TRP B 158 18.20 -11.87 -4.32
CA TRP B 158 18.75 -11.31 -3.05
C TRP B 158 19.54 -12.39 -2.31
N GLU B 159 20.85 -12.24 -2.12
CA GLU B 159 21.62 -13.35 -1.49
C GLU B 159 21.88 -13.03 -0.01
N GLY B 160 21.71 -11.78 0.44
CA GLY B 160 21.94 -11.45 1.86
C GLY B 160 20.84 -12.01 2.73
N PRO B 161 21.02 -11.95 4.07
CA PRO B 161 20.03 -12.44 5.02
C PRO B 161 18.72 -11.60 5.00
N THR B 162 17.59 -12.26 5.22
CA THR B 162 16.24 -11.63 5.20
C THR B 162 15.74 -11.58 6.64
N SER B 163 14.89 -10.62 6.96
CA SER B 163 14.35 -10.43 8.31
C SER B 163 13.02 -9.69 8.19
N VAL B 164 12.31 -9.60 9.28
CA VAL B 164 11.03 -8.88 9.42
C VAL B 164 11.15 -7.96 10.62
N LEU B 165 10.62 -6.75 10.53
CA LEU B 165 10.52 -5.84 11.68
C LEU B 165 9.26 -6.15 12.48
N THR B 166 9.42 -6.77 13.65
CA THR B 166 8.29 -7.20 14.50
C THR B 166 7.96 -6.10 15.49
N PRO B 167 6.72 -6.05 15.98
CA PRO B 167 6.28 -5.03 16.91
C PRO B 167 6.95 -5.13 18.29
N THR B 168 7.31 -6.33 18.73
CA THR B 168 7.73 -6.55 20.14
C THR B 168 9.15 -7.13 20.25
N GLU B 169 9.77 -7.66 19.17
CA GLU B 169 11.13 -8.28 19.25
C GLU B 169 12.14 -7.57 18.33
N GLY B 170 11.78 -6.44 17.75
CA GLY B 170 12.67 -5.79 16.79
C GLY B 170 12.78 -6.60 15.54
N ILE B 171 13.93 -6.51 14.90
CA ILE B 171 14.19 -7.20 13.61
C ILE B 171 14.46 -8.66 13.94
N VAL B 172 13.76 -9.58 13.29
CA VAL B 172 13.89 -11.03 13.56
C VAL B 172 14.23 -11.72 12.23
N ARG B 173 15.27 -12.53 12.23
CA ARG B 173 15.71 -13.23 11.00
C ARG B 173 14.58 -14.18 10.51
N THR B 174 14.40 -14.25 9.18
CA THR B 174 13.41 -15.09 8.45
C THR B 174 14.18 -16.08 7.58
N PRO B 175 14.93 -17.02 8.20
CA PRO B 175 15.86 -17.86 7.44
C PRO B 175 15.14 -18.74 6.41
N GLU B 176 13.88 -19.09 6.65
CA GLU B 176 13.06 -19.91 5.70
C GLU B 176 12.86 -19.12 4.40
N ASP B 177 13.14 -17.81 4.40
CA ASP B 177 12.92 -16.93 3.23
C ASP B 177 14.25 -16.54 2.57
N ASP B 178 15.40 -16.87 3.18
CA ASP B 178 16.71 -16.62 2.53
C ASP B 178 16.73 -17.35 1.18
N ARG B 179 17.34 -16.79 0.15
CA ARG B 179 17.52 -17.45 -1.17
C ARG B 179 16.18 -17.64 -1.89
N SER B 180 15.13 -16.90 -1.53
CA SER B 180 13.79 -16.90 -2.21
C SER B 180 13.48 -15.50 -2.76
N LEU B 181 14.18 -14.45 -2.31
CA LEU B 181 13.83 -13.05 -2.62
C LEU B 181 14.41 -12.61 -3.97
N PHE B 182 13.58 -11.91 -4.73
CA PHE B 182 13.95 -11.11 -5.92
C PHE B 182 13.53 -9.66 -5.73
N VAL B 183 14.29 -8.73 -6.27
CA VAL B 183 13.96 -7.28 -6.22
C VAL B 183 14.07 -6.74 -7.64
N LEU B 184 13.36 -5.64 -7.90
CA LEU B 184 13.40 -4.90 -9.19
C LEU B 184 13.53 -3.42 -8.86
N PRO B 185 14.78 -2.89 -8.81
CA PRO B 185 15.01 -1.50 -8.40
C PRO B 185 14.58 -0.65 -9.58
N VAL B 186 13.61 0.24 -9.39
CA VAL B 186 13.05 0.98 -10.55
C VAL B 186 13.28 2.47 -10.35
N ASP B 187 13.13 2.98 -9.13
CA ASP B 187 13.21 4.44 -8.84
C ASP B 187 13.77 4.64 -7.43
N LEU B 188 14.96 4.12 -7.14
CA LEU B 188 15.57 4.30 -5.79
C LEU B 188 15.94 5.76 -5.59
N PRO B 189 15.89 6.24 -4.33
CA PRO B 189 16.41 7.56 -3.95
C PRO B 189 17.80 7.85 -4.53
N ASP B 190 18.05 9.09 -4.93
CA ASP B 190 19.28 9.49 -5.65
C ASP B 190 20.50 9.06 -4.83
N GLY B 191 21.45 8.42 -5.49
CA GLY B 191 22.72 7.99 -4.88
C GLY B 191 22.62 6.64 -4.18
N LEU B 192 21.42 6.07 -4.01
CA LEU B 192 21.26 4.75 -3.34
C LEU B 192 21.43 3.63 -4.38
N GLU B 193 22.39 2.75 -4.15
CA GLU B 193 22.59 1.51 -4.94
C GLU B 193 22.53 0.34 -3.96
N LEU B 194 21.72 -0.68 -4.25
CA LEU B 194 21.49 -1.79 -3.30
C LEU B 194 22.68 -2.74 -3.40
N ASP B 195 23.24 -3.13 -2.26
CA ASP B 195 24.17 -4.28 -2.17
C ASP B 195 23.35 -5.49 -1.75
N THR B 196 23.15 -6.45 -2.66
CA THR B 196 22.24 -7.60 -2.48
C THR B 196 22.84 -8.60 -1.49
N ALA B 197 24.09 -8.43 -1.03
CA ALA B 197 24.67 -9.27 0.03
C ALA B 197 24.27 -8.77 1.43
N ARG B 198 23.72 -7.57 1.54
CA ARG B 198 23.35 -6.97 2.86
C ARG B 198 22.00 -7.52 3.34
N GLU B 199 21.66 -7.22 4.58
CA GLU B 199 20.36 -7.63 5.15
C GLU B 199 19.25 -6.81 4.49
N ILE B 200 18.09 -7.41 4.29
CA ILE B 200 16.87 -6.69 3.87
C ILE B 200 15.75 -7.11 4.81
N THR B 201 14.91 -6.16 5.17
CA THR B 201 13.84 -6.32 6.17
C THR B 201 12.50 -5.90 5.58
N CYS B 202 11.48 -6.71 5.82
CA CYS B 202 10.11 -6.36 5.40
C CYS B 202 9.34 -5.84 6.62
N ASP B 203 8.24 -5.16 6.36
CA ASP B 203 7.30 -4.70 7.39
C ASP B 203 6.52 -5.91 7.91
N TRP B 204 5.92 -5.74 9.08
CA TRP B 204 5.26 -6.80 9.86
C TRP B 204 3.88 -7.09 9.25
N ARG B 205 3.56 -8.36 9.08
CA ARG B 205 2.18 -8.85 8.86
C ARG B 205 2.09 -10.25 9.46
N SER B 206 0.87 -10.78 9.62
CA SER B 206 0.68 -12.17 10.10
C SER B 206 0.87 -13.13 8.93
N GLY B 207 1.00 -14.42 9.23
CA GLY B 207 1.38 -15.47 8.27
C GLY B 207 2.80 -15.29 7.81
N ASP B 208 3.08 -15.62 6.56
CA ASP B 208 4.47 -15.59 6.04
C ASP B 208 4.84 -14.12 5.86
N PRO B 209 5.90 -13.61 6.50
CA PRO B 209 6.29 -12.20 6.36
C PRO B 209 6.71 -11.89 4.92
N TRP B 210 7.34 -12.84 4.22
CA TRP B 210 7.75 -12.69 2.80
C TRP B 210 6.82 -13.52 1.92
#